data_4Z2J
#
_entry.id   4Z2J
#
_cell.length_a   97.720
_cell.length_b   97.720
_cell.length_c   196.680
_cell.angle_alpha   90.00
_cell.angle_beta   90.00
_cell.angle_gamma   90.00
#
_symmetry.space_group_name_H-M   'P 43 21 2'
#
loop_
_entity.id
_entity.type
_entity.pdbx_description
1 polymer 'Chitinase B'
2 non-polymer "(1R,2R,3R,6R,7S,8S,9R,10R,12R,13S,17S)-3-ethyl-2,10-dihydroxy-2,6,8,10,12,15,15,17-octamethyl-5-oxo-9-(prop-2-yn-1-yloxy)-4,14,16-trioxabicyclo[11.3.1]heptadec-7-yl {5-[N'-(methylcarbamoyl)carbamimidamido]pentyl}carbamate"
3 non-polymer GLYCEROL
4 non-polymer 'PHOSPHATE ION'
5 water water
#
_entity_poly.entity_id   1
_entity_poly.type   'polypeptide(L)'
_entity_poly.pdbx_seq_one_letter_code
;DPSSRSTRKAVIGYYFIPTNQINNYTETDTSVVPFPVSNITPAKAKQLTHINFSFLDINSNLECAWDPATNDAKARDVVN
RLTALKAHNPSLRIMFSIGGWYYSNDLGVSHANYVNAVKTPAARTKFAQSCVRIMKDYGFDGVDIDWEYPQAAEVDGFIA
ALQEIRTLLNQQTIADGRQALPYQLTIAGAGGAFFLSRYYSKLAQIVAPLDYINLMTYDLAGPWEKITNHQAALFGDAAG
PTFYNALREANLGWSWEELTRAFPSPFSLTVDAAVQQHLMMEGVPSAKIVMGVPFYGRAFKGVSGGNGGQYSSHSTPGED
PYPNADYWLVGCDECVRDKDPRIASYRQLEQMLQGNYGYQRLWNDKTKTPYLYHAQNGLFVTYDDAESFKYKAKYIKQQQ
LGGVMFWHLGQDNRNGDLLAALDRYFNAADYDDSQLDMGTGLRYTGVGPGNLPIMTAPAYVPGTTYAQGALVSYQGYVWQ
TKWGYITSAPGSDSAWLKVGRLA
;
_entity_poly.pdbx_strand_id   A
#
# COMPACT_ATOMS: atom_id res chain seq x y z
N SER A 6 -21.85 -4.55 -5.11
CA SER A 6 -22.57 -3.27 -5.41
C SER A 6 -21.67 -2.06 -5.10
N THR A 7 -21.06 -2.02 -3.91
CA THR A 7 -20.16 -0.91 -3.51
C THR A 7 -18.96 -0.70 -4.50
N ARG A 8 -18.90 0.51 -5.06
CA ARG A 8 -17.82 0.91 -5.93
C ARG A 8 -16.45 0.71 -5.23
N LYS A 9 -15.51 0.04 -5.89
CA LYS A 9 -14.15 -0.07 -5.37
C LYS A 9 -13.49 1.32 -5.44
N ALA A 10 -12.76 1.67 -4.40
CA ALA A 10 -12.03 2.92 -4.41
C ALA A 10 -10.82 2.81 -5.37
N VAL A 11 -10.50 3.93 -6.01
CA VAL A 11 -9.34 4.03 -6.90
C VAL A 11 -8.66 5.33 -6.57
N ILE A 12 -7.53 5.17 -5.91
CA ILE A 12 -6.90 6.26 -5.17
C ILE A 12 -5.55 6.51 -5.79
N GLY A 13 -5.42 7.65 -6.43
CA GLY A 13 -4.19 8.00 -7.09
C GLY A 13 -3.56 9.21 -6.48
N TYR A 14 -2.27 9.09 -6.21
CA TYR A 14 -1.48 10.20 -5.72
C TYR A 14 -1.20 11.19 -6.83
N TYR A 15 -1.45 12.45 -6.53
CA TYR A 15 -0.93 13.56 -7.26
C TYR A 15 0.16 14.27 -6.47
N PHE A 16 1.37 14.18 -7.01
CA PHE A 16 2.53 14.81 -6.46
C PHE A 16 3.03 15.97 -7.31
N ILE A 17 3.38 17.03 -6.63
CA ILE A 17 3.96 18.16 -7.28
C ILE A 17 4.89 18.88 -6.32
N PRO A 18 6.16 19.05 -6.73
CA PRO A 18 7.19 19.83 -6.04
C PRO A 18 6.82 21.30 -5.76
N THR A 19 7.28 21.80 -4.62
CA THR A 19 7.15 23.21 -4.30
C THR A 19 7.57 24.18 -5.43
N ASN A 20 8.73 23.98 -6.07
CA ASN A 20 9.13 24.88 -7.16
C ASN A 20 8.11 24.82 -8.32
N GLN A 21 7.57 23.64 -8.61
CA GLN A 21 6.55 23.56 -9.65
C GLN A 21 5.26 24.26 -9.24
N ILE A 22 4.88 24.16 -7.98
CA ILE A 22 3.78 25.00 -7.49
C ILE A 22 4.17 26.46 -7.74
N ASN A 23 5.38 26.82 -7.36
CA ASN A 23 5.77 28.21 -7.33
C ASN A 23 5.95 28.78 -8.74
N ASN A 24 5.97 27.91 -9.74
CA ASN A 24 6.09 28.33 -11.13
C ASN A 24 4.98 27.73 -11.94
N TYR A 25 3.86 27.47 -11.29
CA TYR A 25 2.88 26.58 -11.88
C TYR A 25 2.54 27.06 -13.27
N THR A 26 2.40 26.14 -14.21
CA THR A 26 1.86 26.46 -15.54
C THR A 26 1.37 25.19 -16.23
N GLU A 27 0.31 25.33 -17.04
CA GLU A 27 -0.25 24.17 -17.74
C GLU A 27 0.22 24.07 -19.19
N THR A 28 1.19 24.92 -19.56
CA THR A 28 1.51 25.20 -20.97
C THR A 28 3.02 25.10 -21.24
N ASP A 29 3.77 24.47 -20.33
CA ASP A 29 5.23 24.22 -20.55
C ASP A 29 5.64 22.98 -19.75
N THR A 30 5.63 21.86 -20.45
CA THR A 30 6.13 20.62 -19.91
C THR A 30 7.47 20.70 -19.13
N SER A 31 8.40 21.54 -19.60
CA SER A 31 9.76 21.58 -19.03
C SER A 31 9.79 22.13 -17.61
N VAL A 32 8.73 22.84 -17.21
CA VAL A 32 8.64 23.45 -15.86
C VAL A 32 7.69 22.62 -14.97
N VAL A 33 6.52 22.31 -15.51
CA VAL A 33 5.60 21.36 -14.92
C VAL A 33 5.26 20.24 -15.93
N PRO A 34 5.92 19.09 -15.79
CA PRO A 34 5.63 17.92 -16.63
C PRO A 34 4.21 17.43 -16.53
N PHE A 35 3.62 17.48 -15.33
CA PHE A 35 2.30 16.88 -15.11
C PHE A 35 1.35 17.84 -14.39
N PRO A 36 0.92 18.85 -15.13
CA PRO A 36 -0.02 19.82 -14.58
C PRO A 36 -1.40 19.19 -14.40
N VAL A 37 -2.26 19.82 -13.62
CA VAL A 37 -3.59 19.26 -13.32
C VAL A 37 -4.44 18.98 -14.56
N SER A 38 -4.19 19.74 -15.63
CA SER A 38 -5.03 19.73 -16.84
C SER A 38 -4.82 18.42 -17.55
N ASN A 39 -3.77 17.71 -17.17
CA ASN A 39 -3.52 16.39 -17.74
C ASN A 39 -4.47 15.38 -17.21
N ILE A 40 -5.08 15.69 -16.06
CA ILE A 40 -6.19 14.89 -15.52
C ILE A 40 -7.52 15.25 -16.20
N THR A 41 -7.81 14.56 -17.29
CA THR A 41 -9.02 14.83 -18.05
C THR A 41 -10.27 14.41 -17.30
N PRO A 42 -11.43 14.92 -17.74
CA PRO A 42 -12.73 14.43 -17.25
C PRO A 42 -12.86 12.90 -17.24
N ALA A 43 -12.34 12.23 -18.25
CA ALA A 43 -12.40 10.78 -18.31
C ALA A 43 -11.58 10.18 -17.16
N LYS A 44 -10.41 10.76 -16.91
CA LYS A 44 -9.55 10.30 -15.84
C LYS A 44 -10.18 10.58 -14.49
N ALA A 45 -10.79 11.76 -14.40
CA ALA A 45 -11.45 12.13 -13.19
C ALA A 45 -12.60 11.19 -12.84
N LYS A 46 -13.30 10.70 -13.85
CA LYS A 46 -14.41 9.78 -13.60
C LYS A 46 -13.89 8.46 -13.13
N GLN A 47 -12.65 8.11 -13.49
CA GLN A 47 -12.08 6.80 -13.20
C GLN A 47 -11.46 6.72 -11.78
N LEU A 48 -11.25 7.87 -11.18
CA LEU A 48 -10.71 8.00 -9.87
C LEU A 48 -11.82 8.15 -8.82
N THR A 49 -11.64 7.55 -7.63
CA THR A 49 -12.51 7.89 -6.50
C THR A 49 -11.86 8.93 -5.59
N HIS A 50 -10.52 8.91 -5.55
CA HIS A 50 -9.76 9.81 -4.71
C HIS A 50 -8.50 10.28 -5.44
N ILE A 51 -8.12 11.51 -5.19
CA ILE A 51 -6.79 11.94 -5.50
C ILE A 51 -6.10 12.41 -4.22
N ASN A 52 -4.87 11.93 -3.99
CA ASN A 52 -4.17 12.34 -2.80
C ASN A 52 -3.15 13.37 -3.20
N PHE A 53 -3.48 14.63 -2.97
CA PHE A 53 -2.52 15.67 -3.22
C PHE A 53 -1.40 15.52 -2.21
N SER A 54 -0.17 15.45 -2.69
CA SER A 54 1.00 15.32 -1.84
C SER A 54 2.10 16.32 -2.24
N PHE A 55 3.04 16.66 -1.34
CA PHE A 55 3.02 16.31 0.10
C PHE A 55 3.01 17.57 0.99
N LEU A 56 2.23 17.55 2.05
CA LEU A 56 2.43 18.50 3.12
C LEU A 56 3.21 17.83 4.25
N ASP A 57 3.48 18.56 5.33
CA ASP A 57 4.42 18.09 6.33
C ASP A 57 3.97 18.50 7.72
N ILE A 58 4.71 18.09 8.73
CA ILE A 58 4.57 18.66 10.05
C ILE A 58 5.82 19.50 10.37
N ASN A 59 5.61 20.80 10.62
CA ASN A 59 6.65 21.73 10.96
C ASN A 59 7.03 21.64 12.44
N SER A 60 7.87 22.57 12.94
CA SER A 60 8.50 22.41 14.27
C SER A 60 7.57 22.96 15.30
N ASN A 61 6.53 23.63 14.80
CA ASN A 61 5.39 24.01 15.61
C ASN A 61 4.42 22.86 15.90
N LEU A 62 4.68 21.71 15.28
CA LEU A 62 3.95 20.48 15.53
C LEU A 62 2.55 20.62 14.98
N GLU A 63 2.48 21.31 13.85
CA GLU A 63 1.23 21.50 13.14
C GLU A 63 1.37 21.01 11.71
N CYS A 64 0.24 20.68 11.11
CA CYS A 64 0.20 20.41 9.71
C CYS A 64 0.56 21.66 8.90
N ALA A 65 1.50 21.52 7.97
CA ALA A 65 1.95 22.71 7.23
C ALA A 65 2.41 22.41 5.83
N TRP A 66 2.18 23.38 4.94
CA TRP A 66 2.83 23.44 3.65
C TRP A 66 4.27 23.66 3.90
N ASP A 67 5.12 23.23 2.96
CA ASP A 67 6.54 23.63 2.88
C ASP A 67 6.63 25.16 3.00
N PRO A 68 7.46 25.61 3.94
CA PRO A 68 7.44 27.06 4.19
C PRO A 68 7.92 27.85 3.00
N ALA A 69 8.47 27.20 1.97
CA ALA A 69 8.93 27.89 0.76
C ALA A 69 7.80 28.05 -0.26
N THR A 70 6.59 27.70 0.12
CA THR A 70 5.53 27.58 -0.86
C THR A 70 4.91 28.97 -1.04
N ASN A 71 4.64 29.35 -2.28
CA ASN A 71 3.77 30.49 -2.54
C ASN A 71 2.32 30.11 -2.24
N ASP A 72 1.73 30.72 -1.23
CA ASP A 72 0.38 30.36 -0.85
C ASP A 72 -0.64 30.54 -1.98
N ALA A 73 -0.47 31.56 -2.80
CA ALA A 73 -1.48 31.87 -3.83
C ALA A 73 -1.45 30.85 -4.96
N LYS A 74 -0.25 30.39 -5.30
CA LYS A 74 -0.12 29.47 -6.42
C LYS A 74 -0.59 28.10 -5.93
N ALA A 75 -0.31 27.80 -4.66
CA ALA A 75 -0.81 26.58 -4.03
C ALA A 75 -2.34 26.50 -4.02
N ARG A 76 -3.03 27.58 -3.66
CA ARG A 76 -4.53 27.55 -3.60
C ARG A 76 -5.06 27.34 -4.98
N ASP A 77 -4.32 27.91 -5.93
CA ASP A 77 -4.77 27.89 -7.29
C ASP A 77 -4.66 26.47 -7.84
N VAL A 78 -3.56 25.81 -7.52
CA VAL A 78 -3.34 24.42 -7.94
C VAL A 78 -4.39 23.54 -7.30
N VAL A 79 -4.59 23.72 -6.00
CA VAL A 79 -5.61 22.96 -5.29
C VAL A 79 -7.01 23.21 -5.85
N ASN A 80 -7.32 24.47 -6.18
CA ASN A 80 -8.64 24.78 -6.78
C ASN A 80 -8.87 24.09 -8.11
N ARG A 81 -7.79 23.95 -8.88
CA ARG A 81 -7.91 23.23 -10.12
C ARG A 81 -8.26 21.75 -9.91
N LEU A 82 -7.69 21.14 -8.89
CA LEU A 82 -8.08 19.76 -8.52
C LEU A 82 -9.50 19.68 -7.98
N THR A 83 -9.88 20.56 -7.07
CA THR A 83 -11.26 20.53 -6.57
C THR A 83 -12.27 20.77 -7.69
N ALA A 84 -11.90 21.57 -8.70
CA ALA A 84 -12.78 21.82 -9.87
C ALA A 84 -13.09 20.54 -10.64
N LEU A 85 -12.17 19.58 -10.60
CA LEU A 85 -12.44 18.28 -11.21
C LEU A 85 -13.70 17.59 -10.69
N LYS A 86 -14.14 17.95 -9.49
CA LYS A 86 -15.28 17.25 -8.87
C LYS A 86 -16.58 17.55 -9.62
N ALA A 87 -16.56 18.64 -10.38
CA ALA A 87 -17.67 18.96 -11.30
C ALA A 87 -17.98 17.79 -12.28
N HIS A 88 -16.99 16.97 -12.61
CA HIS A 88 -17.17 15.81 -13.51
C HIS A 88 -17.49 14.49 -12.82
N ASN A 89 -17.43 14.46 -11.49
CA ASN A 89 -17.54 13.19 -10.78
C ASN A 89 -17.95 13.48 -9.35
N PRO A 90 -19.23 13.29 -9.06
CA PRO A 90 -19.73 13.63 -7.73
C PRO A 90 -19.22 12.67 -6.60
N SER A 91 -18.59 11.56 -6.93
CA SER A 91 -17.93 10.70 -5.94
C SER A 91 -16.48 11.09 -5.62
N LEU A 92 -15.87 11.96 -6.43
CA LEU A 92 -14.43 12.17 -6.36
C LEU A 92 -14.04 13.03 -5.15
N ARG A 93 -13.00 12.62 -4.42
CA ARG A 93 -12.47 13.46 -3.33
C ARG A 93 -11.04 13.87 -3.62
N ILE A 94 -10.68 15.09 -3.25
CA ILE A 94 -9.33 15.52 -3.30
C ILE A 94 -8.85 15.55 -1.86
N MET A 95 -8.19 14.45 -1.47
CA MET A 95 -7.48 14.36 -0.18
C MET A 95 -6.19 15.15 -0.21
N PHE A 96 -5.60 15.43 0.95
CA PHE A 96 -4.17 15.78 0.97
C PHE A 96 -3.41 14.87 1.90
N SER A 97 -2.11 14.63 1.59
CA SER A 97 -1.23 13.77 2.42
C SER A 97 -0.17 14.53 3.12
N ILE A 98 0.01 14.18 4.38
CA ILE A 98 1.05 14.71 5.23
C ILE A 98 2.05 13.62 5.39
N GLY A 99 3.28 13.84 4.98
CA GLY A 99 4.36 12.90 5.28
C GLY A 99 5.12 12.51 4.04
N GLY A 100 5.02 11.26 3.67
CA GLY A 100 5.99 10.71 2.77
C GLY A 100 7.31 10.32 3.46
N TRP A 101 8.02 9.46 2.74
CA TRP A 101 9.33 8.96 3.10
C TRP A 101 10.32 10.04 3.45
N TYR A 102 10.44 11.04 2.59
CA TYR A 102 11.53 12.04 2.76
C TYR A 102 11.38 12.84 4.05
N TYR A 103 10.18 13.35 4.31
CA TYR A 103 9.85 14.05 5.56
C TYR A 103 9.86 13.16 6.82
N SER A 104 9.42 11.91 6.68
CA SER A 104 8.97 11.14 7.83
C SER A 104 9.72 9.84 8.16
N ASN A 105 10.62 9.36 7.32
CA ASN A 105 11.39 8.16 7.69
C ASN A 105 12.20 8.40 8.92
N ASP A 106 12.74 7.33 9.50
CA ASP A 106 13.49 7.43 10.78
C ASP A 106 14.60 8.48 10.78
N LEU A 107 15.24 8.73 9.64
CA LEU A 107 16.25 9.77 9.49
C LEU A 107 15.82 10.89 8.59
N GLY A 108 14.52 11.05 8.40
CA GLY A 108 13.95 12.09 7.55
C GLY A 108 14.01 13.46 8.20
N VAL A 109 13.93 14.48 7.35
CA VAL A 109 14.23 15.84 7.80
C VAL A 109 13.24 16.34 8.82
N SER A 110 11.98 15.90 8.76
CA SER A 110 10.97 16.37 9.72
C SER A 110 10.62 15.30 10.76
N HIS A 111 11.37 14.21 10.80
CA HIS A 111 10.95 13.09 11.62
C HIS A 111 10.54 13.39 13.08
N ALA A 112 11.30 14.23 13.78
CA ALA A 112 11.01 14.52 15.20
C ALA A 112 9.64 15.23 15.38
N ASN A 113 9.24 15.97 14.35
CA ASN A 113 7.94 16.62 14.39
C ASN A 113 6.79 15.62 14.43
N TYR A 114 6.93 14.51 13.70
CA TYR A 114 5.93 13.48 13.70
C TYR A 114 5.86 12.84 15.11
N VAL A 115 7.02 12.47 15.63
CA VAL A 115 7.11 11.92 16.96
C VAL A 115 6.51 12.87 18.02
N ASN A 116 6.85 14.17 17.95
CA ASN A 116 6.45 15.09 19.00
C ASN A 116 4.98 15.50 18.93
N ALA A 117 4.41 15.49 17.72
CA ALA A 117 3.02 15.90 17.49
C ALA A 117 2.00 14.90 18.00
N VAL A 118 2.40 13.63 18.11
CA VAL A 118 1.51 12.61 18.63
C VAL A 118 1.77 12.28 20.08
N LYS A 119 2.76 12.96 20.67
CA LYS A 119 3.31 12.55 21.93
C LYS A 119 2.41 12.80 23.13
N THR A 120 1.76 13.97 23.16
CA THR A 120 0.94 14.37 24.30
C THR A 120 -0.47 14.69 23.88
N PRO A 121 -1.39 14.61 24.83
CA PRO A 121 -2.76 14.94 24.53
C PRO A 121 -2.91 16.34 23.95
N ALA A 122 -2.17 17.30 24.49
CA ALA A 122 -2.24 18.65 23.99
C ALA A 122 -1.54 18.79 22.64
N ALA A 123 -0.47 18.03 22.44
CA ALA A 123 0.18 18.03 21.13
C ALA A 123 -0.81 17.48 20.09
N ARG A 124 -1.48 16.39 20.46
CA ARG A 124 -2.38 15.78 19.51
C ARG A 124 -3.56 16.71 19.16
N THR A 125 -4.03 17.45 20.15
CA THR A 125 -5.16 18.34 19.95
C THR A 125 -4.74 19.46 19.03
N LYS A 126 -3.51 19.93 19.19
CA LYS A 126 -3.01 20.97 18.30
C LYS A 126 -2.81 20.44 16.89
N PHE A 127 -2.22 19.27 16.81
CA PHE A 127 -1.95 18.70 15.51
C PHE A 127 -3.25 18.41 14.73
N ALA A 128 -4.14 17.68 15.40
CA ALA A 128 -5.41 17.33 14.81
C ALA A 128 -6.15 18.56 14.34
N GLN A 129 -6.19 19.59 15.16
CA GLN A 129 -6.81 20.85 14.75
C GLN A 129 -6.22 21.42 13.49
N SER A 130 -4.90 21.34 13.39
CA SER A 130 -4.22 21.92 12.26
C SER A 130 -4.58 21.18 10.98
N CYS A 131 -4.73 19.88 11.07
CA CYS A 131 -5.04 19.12 9.90
C CYS A 131 -6.38 19.56 9.34
N VAL A 132 -7.39 19.63 10.19
CA VAL A 132 -8.70 19.95 9.71
C VAL A 132 -8.80 21.41 9.32
N ARG A 133 -8.05 22.28 10.01
CA ARG A 133 -7.95 23.66 9.58
C ARG A 133 -7.42 23.78 8.14
N ILE A 134 -6.39 23.03 7.81
CA ILE A 134 -5.85 23.05 6.46
C ILE A 134 -6.85 22.47 5.46
N MET A 135 -7.49 21.35 5.81
CA MET A 135 -8.49 20.79 4.92
C MET A 135 -9.56 21.83 4.54
N LYS A 136 -10.04 22.53 5.55
CA LYS A 136 -11.16 23.41 5.37
C LYS A 136 -10.71 24.60 4.56
N ASP A 137 -9.53 25.11 4.89
CA ASP A 137 -9.03 26.31 4.32
C ASP A 137 -8.67 26.18 2.84
N TYR A 138 -8.29 25.00 2.36
CA TYR A 138 -7.85 24.86 0.98
C TYR A 138 -8.92 24.16 0.14
N GLY A 139 -9.92 23.59 0.80
CA GLY A 139 -11.04 22.93 0.09
C GLY A 139 -10.84 21.43 -0.18
N PHE A 140 -9.98 20.81 0.63
CA PHE A 140 -9.69 19.40 0.49
C PHE A 140 -10.85 18.62 1.04
N ASP A 141 -10.90 17.34 0.69
CA ASP A 141 -11.99 16.47 1.07
C ASP A 141 -11.70 15.44 2.16
N GLY A 142 -10.54 15.55 2.80
CA GLY A 142 -10.02 14.43 3.56
C GLY A 142 -8.54 14.48 3.79
N VAL A 143 -8.11 13.71 4.77
CA VAL A 143 -6.74 13.77 5.27
C VAL A 143 -6.10 12.40 5.18
N ASP A 144 -4.89 12.34 4.64
CA ASP A 144 -4.13 11.08 4.50
C ASP A 144 -2.81 11.27 5.18
N ILE A 145 -2.49 10.41 6.14
CA ILE A 145 -1.24 10.52 6.87
C ILE A 145 -0.32 9.45 6.32
N ASP A 146 0.87 9.88 5.86
CA ASP A 146 1.86 8.98 5.31
C ASP A 146 3.15 9.04 6.14
N TRP A 147 3.08 8.54 7.36
CA TRP A 147 4.25 8.46 8.22
C TRP A 147 4.86 7.09 8.13
N GLU A 148 6.06 7.07 7.58
CA GLU A 148 6.80 5.83 7.31
C GLU A 148 8.02 5.67 8.22
N TYR A 149 7.89 5.28 9.50
CA TYR A 149 6.67 4.74 10.12
C TYR A 149 6.75 4.97 11.63
N PRO A 150 5.60 5.11 12.29
CA PRO A 150 5.64 5.17 13.76
C PRO A 150 6.14 3.89 14.35
N GLN A 151 6.87 4.01 15.45
CA GLN A 151 7.70 2.93 15.96
C GLN A 151 7.15 2.69 17.32
N ALA A 152 7.33 1.48 17.85
CA ALA A 152 6.48 0.96 18.92
C ALA A 152 6.08 1.98 20.02
N ALA A 153 7.02 2.65 20.66
CA ALA A 153 6.64 3.70 21.65
C ALA A 153 5.66 4.79 21.17
N GLU A 154 5.76 5.16 19.89
CA GLU A 154 4.96 6.26 19.28
C GLU A 154 3.59 5.77 18.76
N VAL A 155 3.41 4.45 18.71
CA VAL A 155 2.22 3.89 18.10
C VAL A 155 0.96 4.31 18.84
N ASP A 156 0.97 4.17 20.16
CA ASP A 156 -0.17 4.67 20.97
C ASP A 156 -0.55 6.12 20.69
N GLY A 157 0.45 6.97 20.46
CA GLY A 157 0.20 8.36 20.21
C GLY A 157 -0.43 8.57 18.86
N PHE A 158 0.12 7.86 17.90
CA PHE A 158 -0.42 7.82 16.54
C PHE A 158 -1.90 7.43 16.51
N ILE A 159 -2.20 6.34 17.21
CA ILE A 159 -3.57 5.88 17.30
C ILE A 159 -4.45 6.98 17.89
N ALA A 160 -4.04 7.57 19.01
CA ALA A 160 -4.80 8.69 19.58
C ALA A 160 -4.88 9.92 18.67
N ALA A 161 -3.84 10.17 17.90
CA ALA A 161 -3.92 11.31 16.98
C ALA A 161 -4.99 11.08 15.92
N LEU A 162 -5.04 9.86 15.40
CA LEU A 162 -6.03 9.54 14.39
C LEU A 162 -7.43 9.56 14.92
N GLN A 163 -7.61 9.05 16.14
CA GLN A 163 -8.90 9.08 16.79
C GLN A 163 -9.33 10.52 16.93
N GLU A 164 -8.43 11.39 17.36
CA GLU A 164 -8.77 12.77 17.48
C GLU A 164 -9.04 13.45 16.12
N ILE A 165 -8.34 13.07 15.07
CA ILE A 165 -8.68 13.65 13.75
C ILE A 165 -10.05 13.20 13.26
N ARG A 166 -10.37 11.94 13.49
CA ARG A 166 -11.64 11.38 13.11
C ARG A 166 -12.78 12.17 13.75
N THR A 167 -12.69 12.40 15.05
CA THR A 167 -13.78 13.12 15.71
C THR A 167 -13.97 14.48 15.03
N LEU A 168 -12.87 15.17 14.79
CA LEU A 168 -12.93 16.53 14.23
C LEU A 168 -13.43 16.49 12.80
N LEU A 169 -13.13 15.43 12.06
CA LEU A 169 -13.64 15.32 10.70
C LEU A 169 -15.14 15.11 10.72
N ASN A 170 -15.60 14.27 11.62
CA ASN A 170 -17.01 14.02 11.80
C ASN A 170 -17.76 15.31 12.24
N GLN A 171 -17.13 16.13 13.06
CA GLN A 171 -17.74 17.43 13.36
C GLN A 171 -17.88 18.26 12.11
N GLN A 172 -16.85 18.24 11.28
CA GLN A 172 -16.83 19.08 10.10
C GLN A 172 -17.88 18.57 9.12
N THR A 173 -18.04 17.25 9.04
CA THR A 173 -18.98 16.70 8.07
C THR A 173 -20.39 17.21 8.42
N ILE A 174 -20.69 17.23 9.70
CA ILE A 174 -21.95 17.72 10.19
C ILE A 174 -22.07 19.23 9.92
N ALA A 175 -21.10 20.01 10.38
CA ALA A 175 -21.13 21.45 10.07
C ALA A 175 -21.43 21.81 8.60
N ASP A 176 -20.93 21.03 7.64
CA ASP A 176 -21.03 21.36 6.19
C ASP A 176 -22.08 20.52 5.49
N GLY A 177 -22.91 19.82 6.23
CA GLY A 177 -23.89 18.95 5.63
C GLY A 177 -23.30 18.09 4.56
N ARG A 178 -22.22 17.37 4.89
CA ARG A 178 -21.51 16.53 3.90
C ARG A 178 -21.77 15.04 4.04
N GLN A 179 -22.90 14.66 4.61
CA GLN A 179 -23.25 13.23 4.72
C GLN A 179 -23.27 12.48 3.38
N ALA A 180 -23.42 13.19 2.26
CA ALA A 180 -23.42 12.48 0.97
C ALA A 180 -21.99 12.18 0.50
N LEU A 181 -21.04 12.97 0.98
CA LEU A 181 -19.62 12.76 0.70
C LEU A 181 -18.78 13.11 1.94
N PRO A 182 -18.80 12.25 2.96
CA PRO A 182 -18.29 12.74 4.24
C PRO A 182 -16.79 12.87 4.23
N TYR A 183 -16.25 13.76 5.07
CA TYR A 183 -14.81 13.96 5.09
C TYR A 183 -14.17 12.66 5.56
N GLN A 184 -13.06 12.30 4.91
CA GLN A 184 -12.47 10.97 5.13
C GLN A 184 -11.05 11.01 5.70
N LEU A 185 -10.59 9.92 6.29
CA LEU A 185 -9.24 9.82 6.88
C LEU A 185 -8.64 8.49 6.42
N THR A 186 -7.44 8.54 5.90
CA THR A 186 -6.74 7.31 5.47
C THR A 186 -5.32 7.38 5.92
N ILE A 187 -4.64 6.25 5.95
CA ILE A 187 -3.19 6.29 5.98
C ILE A 187 -2.63 5.46 4.90
N ALA A 188 -1.38 5.75 4.55
CA ALA A 188 -0.53 4.87 3.76
C ALA A 188 0.14 3.93 4.73
N GLY A 189 -0.21 2.66 4.67
CA GLY A 189 0.31 1.64 5.56
C GLY A 189 1.42 0.81 4.94
N ALA A 190 2.26 0.28 5.83
CA ALA A 190 3.27 -0.66 5.46
C ALA A 190 2.72 -1.81 4.61
N GLY A 191 3.51 -2.25 3.63
CA GLY A 191 3.15 -3.32 2.72
C GLY A 191 4.08 -4.52 2.79
N GLY A 192 4.95 -4.52 3.78
CA GLY A 192 5.76 -5.67 4.08
C GLY A 192 6.01 -5.75 5.60
N ALA A 193 6.31 -6.97 6.05
CA ALA A 193 6.24 -7.29 7.44
C ALA A 193 7.28 -6.59 8.29
N PHE A 194 8.46 -6.28 7.76
CA PHE A 194 9.48 -5.62 8.63
C PHE A 194 8.95 -4.34 9.22
N PHE A 195 8.41 -3.45 8.37
CA PHE A 195 7.84 -2.18 8.87
C PHE A 195 6.48 -2.33 9.51
N LEU A 196 5.71 -3.28 9.00
CA LEU A 196 4.37 -3.55 9.51
C LEU A 196 4.45 -3.95 10.96
N SER A 197 5.54 -4.59 11.35
CA SER A 197 5.64 -5.15 12.68
C SER A 197 5.74 -4.08 13.73
N ARG A 198 6.08 -2.86 13.35
CA ARG A 198 6.18 -1.75 14.31
C ARG A 198 4.83 -1.46 14.97
N TYR A 199 3.73 -1.70 14.26
CA TYR A 199 2.44 -1.44 14.81
C TYR A 199 1.46 -2.55 14.57
N TYR A 200 1.92 -3.71 14.12
CA TYR A 200 1.00 -4.83 13.90
C TYR A 200 0.13 -5.19 15.10
N SER A 201 0.68 -5.26 16.30
CA SER A 201 -0.11 -5.74 17.44
C SER A 201 -1.33 -4.85 17.63
N LYS A 202 -1.25 -3.61 17.13
CA LYS A 202 -2.35 -2.67 17.39
C LYS A 202 -3.07 -2.28 16.14
N LEU A 203 -3.05 -3.21 15.17
CA LEU A 203 -3.55 -2.93 13.86
C LEU A 203 -5.05 -2.56 13.87
N ALA A 204 -5.86 -3.24 14.69
CA ALA A 204 -7.31 -2.93 14.72
C ALA A 204 -7.57 -1.50 15.20
N GLN A 205 -6.76 -1.03 16.14
CA GLN A 205 -6.98 0.28 16.68
C GLN A 205 -6.60 1.33 15.67
N ILE A 206 -5.59 0.99 14.84
CA ILE A 206 -5.04 1.92 13.84
C ILE A 206 -6.05 2.06 12.72
N VAL A 207 -6.66 0.95 12.30
CA VAL A 207 -7.60 0.95 11.18
C VAL A 207 -8.98 1.50 11.55
N ALA A 208 -9.36 1.39 12.81
CA ALA A 208 -10.74 1.68 13.24
C ALA A 208 -11.23 3.13 12.91
N PRO A 209 -10.41 4.16 13.13
CA PRO A 209 -10.76 5.50 12.69
C PRO A 209 -10.63 5.80 11.16
N LEU A 210 -10.18 4.83 10.37
CA LEU A 210 -9.97 5.10 8.95
C LEU A 210 -11.11 4.69 8.08
N ASP A 211 -11.27 5.42 7.00
CA ASP A 211 -12.07 4.96 5.89
C ASP A 211 -11.33 3.86 5.13
N TYR A 212 -10.01 3.98 5.01
CA TYR A 212 -9.21 2.95 4.33
C TYR A 212 -7.82 3.00 4.86
N ILE A 213 -7.16 1.87 4.84
CA ILE A 213 -5.72 1.83 5.01
C ILE A 213 -5.10 1.41 3.71
N ASN A 214 -4.30 2.30 3.12
CA ASN A 214 -3.73 2.07 1.80
C ASN A 214 -2.37 1.38 1.85
N LEU A 215 -2.38 0.09 1.54
CA LEU A 215 -1.21 -0.72 1.73
C LEU A 215 -0.16 -0.38 0.68
N MET A 216 1.06 -0.08 1.11
CA MET A 216 2.12 0.24 0.18
C MET A 216 2.77 -1.07 -0.23
N THR A 217 2.01 -1.85 -0.97
CA THR A 217 2.42 -3.17 -1.42
C THR A 217 3.16 -3.05 -2.74
N TYR A 218 4.30 -2.38 -2.66
CA TYR A 218 5.21 -2.17 -3.75
C TYR A 218 6.49 -1.65 -3.11
N ASP A 219 7.54 -1.46 -3.91
CA ASP A 219 8.89 -1.22 -3.37
C ASP A 219 9.32 -2.31 -2.43
N LEU A 220 8.78 -3.50 -2.64
CA LEU A 220 9.15 -4.65 -1.83
C LEU A 220 10.50 -5.24 -2.26
N ALA A 221 11.08 -4.63 -3.28
CA ALA A 221 12.38 -4.97 -3.76
C ALA A 221 13.02 -3.67 -4.14
N GLY A 222 14.35 -3.67 -4.10
CA GLY A 222 15.09 -2.42 -4.35
C GLY A 222 16.58 -2.60 -4.26
N PRO A 223 17.35 -1.52 -4.45
CA PRO A 223 18.85 -1.62 -4.57
C PRO A 223 19.52 -1.94 -3.23
N TRP A 224 18.78 -1.72 -2.17
CA TRP A 224 19.17 -2.17 -0.84
C TRP A 224 19.12 -3.70 -0.65
N GLU A 225 18.62 -4.49 -1.60
CA GLU A 225 18.62 -5.96 -1.47
C GLU A 225 19.86 -6.64 -2.07
N LYS A 226 20.20 -7.85 -1.64
CA LYS A 226 21.38 -8.56 -2.15
C LYS A 226 21.09 -8.98 -3.60
N ILE A 227 19.82 -9.27 -3.86
CA ILE A 227 19.37 -10.14 -4.96
C ILE A 227 18.22 -9.36 -5.64
N THR A 228 18.20 -9.33 -6.97
CA THR A 228 17.12 -8.64 -7.65
C THR A 228 15.86 -9.39 -7.31
N ASN A 229 14.71 -8.71 -7.30
CA ASN A 229 13.47 -9.41 -7.14
C ASN A 229 12.33 -8.52 -7.60
N HIS A 230 11.15 -9.07 -7.76
CA HIS A 230 9.99 -8.26 -8.04
C HIS A 230 9.53 -7.41 -6.89
N GLN A 231 9.22 -6.14 -7.15
CA GLN A 231 8.90 -5.18 -6.13
C GLN A 231 7.46 -5.28 -5.68
N ALA A 232 6.65 -6.01 -6.45
CA ALA A 232 5.20 -6.08 -6.20
C ALA A 232 4.56 -7.36 -6.74
N ALA A 233 5.24 -8.46 -6.46
CA ALA A 233 4.76 -9.78 -6.74
C ALA A 233 3.42 -10.00 -6.07
N LEU A 234 2.44 -10.43 -6.83
CA LEU A 234 1.15 -10.73 -6.24
C LEU A 234 1.26 -11.97 -5.37
N PHE A 235 1.82 -13.04 -5.94
CA PHE A 235 2.06 -14.30 -5.23
C PHE A 235 3.52 -14.68 -5.28
N GLY A 236 3.92 -15.71 -4.54
CA GLY A 236 5.32 -16.06 -4.43
C GLY A 236 5.82 -17.01 -5.51
N ASP A 237 7.08 -16.80 -5.89
CA ASP A 237 7.83 -17.72 -6.73
C ASP A 237 8.82 -18.46 -5.83
N ALA A 238 8.77 -19.77 -5.85
CA ALA A 238 9.66 -20.58 -5.02
C ALA A 238 11.12 -20.43 -5.39
N ALA A 239 11.41 -19.96 -6.59
CA ALA A 239 12.82 -19.73 -6.96
C ALA A 239 13.41 -18.40 -6.36
N GLY A 240 12.54 -17.53 -5.85
CA GLY A 240 12.97 -16.19 -5.45
C GLY A 240 13.38 -16.20 -3.99
N PRO A 241 13.95 -15.10 -3.52
CA PRO A 241 14.29 -15.06 -2.15
C PRO A 241 13.08 -15.17 -1.22
N THR A 242 13.35 -15.60 0.00
CA THR A 242 12.34 -15.59 1.06
C THR A 242 12.91 -14.81 2.22
N PHE A 243 12.04 -14.29 3.08
CA PHE A 243 12.49 -13.52 4.21
C PHE A 243 11.96 -13.99 5.58
N TYR A 244 12.69 -13.60 6.61
CA TYR A 244 12.25 -13.76 7.98
C TYR A 244 10.91 -13.06 8.18
N ASN A 245 9.96 -13.72 8.81
CA ASN A 245 8.67 -13.13 9.19
C ASN A 245 8.71 -12.46 10.56
N ALA A 246 8.89 -11.14 10.60
CA ALA A 246 9.12 -10.42 11.85
C ALA A 246 7.86 -10.36 12.70
N LEU A 247 6.74 -10.66 12.08
CA LEU A 247 5.49 -10.52 12.75
C LEU A 247 5.45 -11.53 13.90
N ARG A 248 6.19 -12.63 13.74
CA ARG A 248 6.14 -13.67 14.76
C ARG A 248 6.87 -13.26 16.06
N GLU A 249 7.49 -12.07 16.05
CA GLU A 249 8.15 -11.53 17.22
C GLU A 249 7.45 -10.28 17.75
N ALA A 250 6.35 -9.95 17.13
CA ALA A 250 5.50 -8.90 17.62
C ALA A 250 4.89 -9.22 18.97
N ASN A 251 4.59 -8.20 19.77
CA ASN A 251 4.11 -8.40 21.10
C ASN A 251 2.61 -8.69 21.12
N LEU A 252 2.26 -9.92 20.73
CA LEU A 252 0.88 -10.31 20.50
C LEU A 252 0.27 -11.01 21.69
N GLY A 253 1.09 -11.59 22.56
CA GLY A 253 0.62 -12.39 23.67
C GLY A 253 0.16 -13.79 23.26
N TRP A 254 0.31 -14.19 22.00
CA TRP A 254 -0.10 -15.51 21.52
C TRP A 254 0.86 -16.66 21.88
N SER A 255 0.39 -17.89 21.72
CA SER A 255 1.13 -19.09 22.05
C SER A 255 2.01 -19.48 20.86
N TRP A 256 2.79 -20.53 21.03
CA TRP A 256 3.72 -20.92 19.99
C TRP A 256 2.94 -21.38 18.74
N GLU A 257 1.90 -22.17 18.93
CA GLU A 257 1.16 -22.75 17.81
C GLU A 257 0.40 -21.64 17.11
N GLU A 258 -0.07 -20.68 17.88
CA GLU A 258 -0.83 -19.60 17.32
C GLU A 258 0.11 -18.77 16.44
N LEU A 259 1.32 -18.50 16.92
CA LEU A 259 2.35 -17.79 16.14
C LEU A 259 2.73 -18.56 14.87
N THR A 260 2.88 -19.88 15.01
CA THR A 260 3.33 -20.68 13.91
C THR A 260 2.28 -20.77 12.78
N ARG A 261 1.02 -20.83 13.13
CA ARG A 261 -0.04 -20.96 12.16
C ARG A 261 -0.21 -19.63 11.41
N ALA A 262 0.00 -18.51 12.08
CA ALA A 262 -0.12 -17.15 11.49
C ALA A 262 1.09 -16.70 10.65
N PHE A 263 2.29 -17.09 11.10
CA PHE A 263 3.51 -16.43 10.64
C PHE A 263 4.56 -17.40 10.13
N PRO A 264 4.28 -18.04 9.01
CA PRO A 264 5.29 -18.96 8.47
C PRO A 264 6.58 -18.21 8.19
N SER A 265 7.71 -18.87 8.37
CA SER A 265 9.00 -18.19 8.24
C SER A 265 10.07 -19.18 7.85
N PRO A 266 10.82 -18.85 6.82
CA PRO A 266 10.67 -17.62 6.00
C PRO A 266 9.46 -17.66 5.10
N PHE A 267 9.16 -16.58 4.40
CA PHE A 267 7.96 -16.48 3.57
C PHE A 267 8.27 -15.58 2.40
N SER A 268 7.43 -15.65 1.38
CA SER A 268 7.57 -14.81 0.21
C SER A 268 6.92 -13.47 0.43
N LEU A 269 7.70 -12.41 0.17
CA LEU A 269 7.28 -11.04 0.40
C LEU A 269 6.48 -10.43 -0.76
N THR A 270 5.17 -10.53 -0.64
CA THR A 270 4.27 -10.38 -1.78
C THR A 270 3.08 -9.54 -1.37
N VAL A 271 2.29 -9.17 -2.36
CA VAL A 271 1.10 -8.38 -2.13
C VAL A 271 0.14 -9.20 -1.30
N ASP A 272 0.05 -10.49 -1.64
CA ASP A 272 -0.88 -11.38 -1.00
C ASP A 272 -0.51 -11.58 0.50
N ALA A 273 0.77 -11.58 0.81
CA ALA A 273 1.21 -11.74 2.18
C ALA A 273 0.75 -10.58 3.07
N ALA A 274 1.02 -9.38 2.63
CA ALA A 274 0.66 -8.18 3.37
C ALA A 274 -0.83 -8.11 3.57
N VAL A 275 -1.56 -8.40 2.49
CA VAL A 275 -2.97 -8.43 2.57
C VAL A 275 -3.47 -9.44 3.60
N GLN A 276 -2.97 -10.68 3.56
CA GLN A 276 -3.47 -11.68 4.49
C GLN A 276 -3.04 -11.30 5.91
N GLN A 277 -1.83 -10.78 6.03
CA GLN A 277 -1.35 -10.38 7.38
C GLN A 277 -2.26 -9.36 8.03
N HIS A 278 -2.92 -8.55 7.21
CA HIS A 278 -3.92 -7.64 7.71
C HIS A 278 -5.19 -8.37 8.07
N LEU A 279 -5.59 -9.29 7.19
CA LEU A 279 -6.84 -10.01 7.42
C LEU A 279 -6.79 -11.00 8.59
N MET A 280 -5.60 -11.49 8.96
CA MET A 280 -5.49 -12.37 10.13
C MET A 280 -5.82 -11.65 11.41
N MET A 281 -5.81 -10.33 11.43
CA MET A 281 -6.12 -9.61 12.66
C MET A 281 -7.60 -9.28 12.85
N GLU A 282 -8.13 -9.72 13.96
CA GLU A 282 -9.45 -9.44 14.40
C GLU A 282 -9.74 -7.95 14.41
N GLY A 283 -10.86 -7.56 13.80
CA GLY A 283 -11.31 -6.17 13.79
C GLY A 283 -10.68 -5.38 12.67
N VAL A 284 -10.01 -6.04 11.75
CA VAL A 284 -9.57 -5.41 10.51
C VAL A 284 -10.41 -5.86 9.32
N PRO A 285 -11.33 -5.04 8.90
CA PRO A 285 -12.27 -5.54 7.91
C PRO A 285 -11.71 -5.40 6.51
N SER A 286 -11.99 -6.39 5.67
CA SER A 286 -11.39 -6.41 4.36
C SER A 286 -11.77 -5.17 3.54
N ALA A 287 -13.00 -4.70 3.69
CA ALA A 287 -13.45 -3.53 2.98
C ALA A 287 -12.59 -2.26 3.20
N LYS A 288 -11.82 -2.22 4.29
CA LYS A 288 -11.00 -1.05 4.57
C LYS A 288 -9.61 -1.19 4.01
N ILE A 289 -9.29 -2.33 3.42
CA ILE A 289 -7.94 -2.63 2.97
C ILE A 289 -7.86 -2.35 1.51
N VAL A 290 -6.92 -1.47 1.16
CA VAL A 290 -6.75 -1.02 -0.20
C VAL A 290 -5.38 -1.47 -0.65
N MET A 291 -5.33 -2.07 -1.83
CA MET A 291 -4.06 -2.58 -2.36
C MET A 291 -3.32 -1.49 -3.12
N GLY A 292 -2.10 -1.20 -2.69
CA GLY A 292 -1.26 -0.20 -3.38
C GLY A 292 -0.57 -0.84 -4.55
N VAL A 293 -0.44 -0.11 -5.64
CA VAL A 293 0.35 -0.58 -6.78
C VAL A 293 1.24 0.53 -7.30
N PRO A 294 2.38 0.15 -7.87
CA PRO A 294 3.29 1.14 -8.43
C PRO A 294 2.98 1.45 -9.92
N PHE A 295 3.02 2.74 -10.28
CA PHE A 295 3.03 3.19 -11.66
C PHE A 295 4.47 3.47 -12.19
N TYR A 296 5.43 2.84 -11.54
CA TYR A 296 6.85 3.04 -11.76
C TYR A 296 7.57 1.71 -11.63
N GLY A 297 8.66 1.57 -12.34
CA GLY A 297 9.50 0.37 -12.25
C GLY A 297 10.75 0.69 -11.46
N ARG A 298 11.31 -0.32 -10.81
CA ARG A 298 12.69 -0.25 -10.28
C ARG A 298 13.71 -1.02 -11.10
N ALA A 299 14.82 -0.34 -11.39
CA ALA A 299 15.88 -0.89 -12.29
C ALA A 299 17.10 -1.24 -11.52
N PHE A 300 17.74 -2.30 -11.96
CA PHE A 300 19.01 -2.76 -11.41
C PHE A 300 19.98 -2.93 -12.57
N LYS A 301 21.27 -2.74 -12.30
CA LYS A 301 22.33 -3.07 -13.26
C LYS A 301 23.18 -4.13 -12.63
N GLY A 302 24.18 -4.55 -13.37
CA GLY A 302 25.11 -5.54 -12.88
C GLY A 302 24.52 -6.93 -12.79
N VAL A 303 23.42 -7.20 -13.47
CA VAL A 303 22.82 -8.50 -13.25
C VAL A 303 23.42 -9.51 -14.20
N SER A 304 23.82 -10.67 -13.71
CA SER A 304 24.30 -11.71 -14.58
C SER A 304 23.25 -12.81 -14.61
N GLY A 305 22.71 -13.04 -15.81
CA GLY A 305 21.38 -13.63 -16.00
C GLY A 305 21.36 -15.14 -16.20
N GLY A 306 20.64 -15.64 -17.20
CA GLY A 306 20.22 -17.03 -17.20
C GLY A 306 18.76 -17.26 -16.83
N ASN A 307 18.23 -16.41 -15.92
CA ASN A 307 16.80 -16.42 -15.61
C ASN A 307 16.10 -15.04 -15.77
N GLY A 308 16.49 -14.31 -16.80
CA GLY A 308 15.83 -13.02 -17.11
C GLY A 308 16.29 -11.86 -16.22
N GLY A 309 17.38 -12.08 -15.48
CA GLY A 309 17.84 -11.11 -14.49
C GLY A 309 17.09 -11.20 -13.17
N GLN A 310 16.23 -12.21 -13.03
CA GLN A 310 15.56 -12.40 -11.76
C GLN A 310 16.46 -13.08 -10.75
N TYR A 311 16.52 -12.52 -9.53
CA TYR A 311 17.05 -13.20 -8.35
C TYR A 311 18.56 -13.33 -8.49
N SER A 312 19.13 -12.31 -9.12
CA SER A 312 20.55 -12.22 -9.43
C SER A 312 21.20 -11.20 -8.52
N SER A 313 22.49 -11.39 -8.23
CA SER A 313 23.28 -10.31 -7.66
C SER A 313 23.36 -9.09 -8.61
N HIS A 314 23.75 -7.96 -8.08
CA HIS A 314 23.66 -6.73 -8.85
C HIS A 314 24.54 -5.66 -8.26
N SER A 315 24.67 -4.56 -8.98
CA SER A 315 25.65 -3.50 -8.67
C SER A 315 24.98 -2.18 -8.61
N THR A 316 23.70 -2.17 -8.30
CA THR A 316 22.91 -0.96 -8.30
C THR A 316 23.21 -0.23 -6.99
N PRO A 317 23.69 1.02 -7.08
CA PRO A 317 23.95 1.75 -5.83
C PRO A 317 22.66 2.03 -5.05
N GLY A 318 22.73 1.88 -3.72
CA GLY A 318 21.61 2.21 -2.81
C GLY A 318 21.63 3.60 -2.19
N GLU A 319 22.67 4.37 -2.46
CA GLU A 319 22.92 5.65 -1.78
C GLU A 319 21.99 6.72 -2.39
N ASP A 320 21.54 7.66 -1.57
CA ASP A 320 20.76 8.84 -2.04
C ASP A 320 21.47 10.10 -1.60
N PRO A 321 21.64 11.08 -2.49
CA PRO A 321 21.26 11.04 -3.90
C PRO A 321 22.13 10.04 -4.69
N TYR A 322 21.69 9.74 -5.91
CA TYR A 322 22.47 8.93 -6.80
C TYR A 322 23.88 9.48 -6.86
N PRO A 323 24.87 8.61 -6.68
CA PRO A 323 26.24 9.05 -6.40
C PRO A 323 27.15 9.39 -7.60
N ASN A 324 26.63 9.32 -8.83
CA ASN A 324 27.44 9.75 -9.98
C ASN A 324 26.55 10.13 -11.12
N ALA A 325 27.14 10.41 -12.27
CA ALA A 325 26.35 10.82 -13.41
C ALA A 325 26.28 9.74 -14.48
N ASP A 326 26.51 8.48 -14.09
CA ASP A 326 26.29 7.37 -15.03
C ASP A 326 24.80 6.99 -15.03
N TYR A 327 24.11 7.47 -16.04
CA TYR A 327 22.70 7.20 -16.20
C TYR A 327 22.56 6.00 -17.15
N TRP A 328 22.67 4.80 -16.56
CA TRP A 328 22.90 3.58 -17.31
C TRP A 328 21.61 2.88 -17.77
N LEU A 329 20.46 3.45 -17.42
CA LEU A 329 19.19 2.85 -17.80
C LEU A 329 18.90 3.29 -19.25
N VAL A 330 19.32 2.45 -20.17
CA VAL A 330 19.41 2.82 -21.58
C VAL A 330 18.03 3.22 -22.06
N GLY A 331 17.94 4.39 -22.67
CA GLY A 331 16.68 4.83 -23.27
C GLY A 331 15.78 5.58 -22.31
N CYS A 332 16.20 5.76 -21.06
CA CYS A 332 15.37 6.44 -20.08
C CYS A 332 15.65 7.93 -19.96
N ASP A 333 14.92 8.73 -20.72
CA ASP A 333 15.25 10.15 -20.81
C ASP A 333 14.92 10.87 -19.53
N GLU A 334 13.84 10.44 -18.88
CA GLU A 334 13.44 11.01 -17.60
C GLU A 334 14.55 10.81 -16.52
N CYS A 335 15.25 9.69 -16.56
CA CYS A 335 16.30 9.38 -15.58
C CYS A 335 17.35 10.43 -15.64
N VAL A 336 17.62 10.90 -16.85
CA VAL A 336 18.63 11.92 -17.04
C VAL A 336 18.18 13.24 -16.41
N ARG A 337 16.95 13.62 -16.70
CA ARG A 337 16.38 14.83 -16.16
C ARG A 337 16.40 14.70 -14.64
N ASP A 338 16.07 13.51 -14.13
CA ASP A 338 15.97 13.34 -12.68
C ASP A 338 17.26 12.86 -12.04
N LYS A 339 18.31 12.62 -12.83
CA LYS A 339 19.63 12.29 -12.27
C LYS A 339 19.62 10.99 -11.45
N ASP A 340 18.82 10.01 -11.86
CA ASP A 340 18.72 8.79 -11.12
C ASP A 340 18.18 7.72 -12.05
N PRO A 341 18.97 6.70 -12.30
CA PRO A 341 18.54 5.69 -13.27
C PRO A 341 17.83 4.51 -12.66
N ARG A 342 17.49 4.62 -11.38
CA ARG A 342 16.95 3.48 -10.64
C ARG A 342 15.41 3.40 -10.62
N ILE A 343 14.77 4.47 -11.04
CA ILE A 343 13.31 4.62 -11.03
C ILE A 343 12.93 5.17 -12.40
N ALA A 344 12.07 4.44 -13.10
CA ALA A 344 11.44 4.88 -14.35
C ALA A 344 9.89 4.75 -14.30
N SER A 345 9.19 5.79 -14.68
CA SER A 345 7.74 5.74 -14.74
C SER A 345 7.35 4.72 -15.76
N TYR A 346 6.13 4.22 -15.64
CA TYR A 346 5.57 3.33 -16.62
C TYR A 346 5.52 3.96 -18.01
N ARG A 347 5.15 5.23 -18.05
CA ARG A 347 5.19 6.05 -19.29
C ARG A 347 6.53 5.89 -20.00
N GLN A 348 7.57 6.10 -19.23
CA GLN A 348 8.90 5.94 -19.72
C GLN A 348 9.16 4.49 -20.14
N LEU A 349 8.73 3.54 -19.34
CA LEU A 349 9.07 2.17 -19.65
C LEU A 349 8.47 1.70 -20.97
N GLU A 350 7.27 2.17 -21.29
CA GLU A 350 6.69 1.89 -22.59
C GLU A 350 7.61 2.36 -23.72
N GLN A 351 8.17 3.56 -23.62
CA GLN A 351 9.02 4.11 -24.69
C GLN A 351 10.33 3.35 -24.80
N MET A 352 10.83 2.90 -23.66
CA MET A 352 12.09 2.16 -23.64
C MET A 352 11.90 0.84 -24.37
N LEU A 353 10.71 0.29 -24.23
CA LEU A 353 10.46 -1.05 -24.67
C LEU A 353 10.12 -0.97 -26.15
N GLN A 354 9.69 0.19 -26.59
CA GLN A 354 9.20 0.34 -27.94
C GLN A 354 10.33 0.71 -28.85
N GLY A 355 11.27 1.49 -28.29
CA GLY A 355 12.47 1.90 -28.98
C GLY A 355 13.45 0.76 -29.11
N ASN A 356 14.55 1.07 -29.75
CA ASN A 356 15.49 0.05 -30.18
C ASN A 356 16.60 -0.06 -29.21
N TYR A 357 16.28 -0.44 -27.98
CA TYR A 357 17.18 -0.23 -26.83
C TYR A 357 17.67 -1.54 -26.20
N GLY A 358 17.14 -2.67 -26.65
CA GLY A 358 17.68 -3.96 -26.23
C GLY A 358 16.96 -4.63 -25.08
N TYR A 359 15.76 -4.16 -24.74
CA TYR A 359 15.02 -4.75 -23.63
C TYR A 359 14.10 -5.86 -24.14
N GLN A 360 13.92 -6.92 -23.37
CA GLN A 360 12.78 -7.80 -23.60
C GLN A 360 11.77 -7.67 -22.46
N ARG A 361 10.48 -7.56 -22.76
CA ARG A 361 9.45 -7.71 -21.74
C ARG A 361 9.25 -9.17 -21.47
N LEU A 362 9.35 -9.57 -20.21
CA LEU A 362 9.22 -10.95 -19.79
C LEU A 362 8.06 -11.07 -18.78
N TRP A 363 7.65 -12.28 -18.46
CA TRP A 363 6.48 -12.46 -17.61
C TRP A 363 6.72 -13.62 -16.67
N ASN A 364 6.48 -13.40 -15.37
CA ASN A 364 6.64 -14.44 -14.40
C ASN A 364 5.26 -14.92 -14.04
N ASP A 365 5.01 -16.18 -14.32
CA ASP A 365 3.66 -16.68 -14.28
C ASP A 365 3.27 -17.04 -12.84
N LYS A 366 4.23 -17.10 -11.92
CA LYS A 366 3.91 -17.28 -10.51
C LYS A 366 3.55 -15.96 -9.85
N THR A 367 4.37 -14.94 -10.09
CA THR A 367 4.14 -13.64 -9.47
C THR A 367 3.05 -12.82 -10.14
N LYS A 368 2.74 -13.21 -11.37
CA LYS A 368 1.85 -12.47 -12.26
C LYS A 368 2.31 -11.07 -12.39
N THR A 369 3.60 -10.90 -12.66
CA THR A 369 4.13 -9.54 -12.89
C THR A 369 5.10 -9.52 -14.05
N PRO A 370 5.18 -8.37 -14.74
CA PRO A 370 6.07 -8.33 -15.87
C PRO A 370 7.41 -7.85 -15.41
N TYR A 371 8.42 -7.98 -16.27
CA TYR A 371 9.70 -7.39 -15.98
C TYR A 371 10.50 -7.22 -17.25
N LEU A 372 11.36 -6.19 -17.27
CA LEU A 372 12.26 -5.96 -18.41
C LEU A 372 13.59 -6.61 -18.13
N TYR A 373 14.21 -7.16 -19.16
CA TYR A 373 15.56 -7.70 -19.06
C TYR A 373 16.35 -7.17 -20.25
N HIS A 374 17.58 -6.74 -20.00
CA HIS A 374 18.49 -6.21 -21.02
C HIS A 374 19.69 -7.17 -21.01
N ALA A 375 19.74 -8.09 -21.94
CA ALA A 375 20.71 -9.19 -21.89
C ALA A 375 22.15 -8.67 -22.13
N GLN A 376 22.29 -7.67 -22.99
CA GLN A 376 23.60 -7.21 -23.30
C GLN A 376 24.29 -6.48 -22.16
N ASN A 377 23.54 -5.68 -21.39
CA ASN A 377 24.17 -4.79 -20.42
C ASN A 377 24.02 -5.32 -19.00
N GLY A 378 23.17 -6.34 -18.85
CA GLY A 378 22.80 -6.89 -17.55
C GLY A 378 21.87 -5.99 -16.74
N LEU A 379 20.71 -5.63 -17.32
CA LEU A 379 19.73 -4.86 -16.58
C LEU A 379 18.45 -5.62 -16.30
N PHE A 380 17.84 -5.28 -15.16
CA PHE A 380 16.53 -5.86 -14.72
C PHE A 380 15.61 -4.78 -14.19
N VAL A 381 14.37 -4.78 -14.66
CA VAL A 381 13.37 -3.81 -14.19
C VAL A 381 12.08 -4.47 -13.73
N THR A 382 11.65 -4.23 -12.50
CA THR A 382 10.35 -4.73 -12.02
C THR A 382 9.37 -3.61 -12.09
N TYR A 383 8.17 -3.92 -12.58
CA TYR A 383 7.12 -2.90 -12.70
C TYR A 383 5.78 -3.58 -12.84
N ASP A 384 4.71 -2.79 -12.93
CA ASP A 384 3.39 -3.36 -13.13
C ASP A 384 2.84 -2.78 -14.40
N ASP A 385 2.02 -3.56 -15.09
CA ASP A 385 1.27 -3.09 -16.24
C ASP A 385 -0.22 -3.55 -16.17
N ALA A 386 -0.95 -3.38 -17.27
CA ALA A 386 -2.37 -3.70 -17.31
C ALA A 386 -2.62 -5.19 -17.34
N GLU A 387 -1.63 -5.99 -17.73
CA GLU A 387 -1.76 -7.43 -17.52
C GLU A 387 -1.69 -7.78 -16.04
N SER A 388 -0.70 -7.26 -15.30
CA SER A 388 -0.61 -7.64 -13.88
C SER A 388 -1.77 -7.08 -13.07
N PHE A 389 -2.37 -6.01 -13.57
CA PHE A 389 -3.52 -5.43 -12.91
C PHE A 389 -4.76 -6.28 -13.02
N LYS A 390 -4.84 -7.16 -14.00
CA LYS A 390 -6.01 -8.03 -14.07
C LYS A 390 -6.03 -8.96 -12.90
N TYR A 391 -4.88 -9.54 -12.61
CA TYR A 391 -4.78 -10.52 -11.53
C TYR A 391 -4.97 -9.84 -10.19
N LYS A 392 -4.46 -8.62 -10.10
CA LYS A 392 -4.57 -7.88 -8.85
C LYS A 392 -6.00 -7.43 -8.61
N ALA A 393 -6.66 -6.97 -9.67
CA ALA A 393 -8.05 -6.55 -9.55
C ALA A 393 -8.92 -7.76 -9.22
N LYS A 394 -8.61 -8.90 -9.83
CA LYS A 394 -9.35 -10.07 -9.49
C LYS A 394 -9.15 -10.40 -8.01
N TYR A 395 -7.91 -10.42 -7.56
CA TYR A 395 -7.64 -10.60 -6.12
C TYR A 395 -8.42 -9.63 -5.23
N ILE A 396 -8.43 -8.36 -5.61
CA ILE A 396 -9.21 -7.37 -4.86
C ILE A 396 -10.69 -7.70 -4.77
N LYS A 397 -11.28 -8.21 -5.86
CA LYS A 397 -12.69 -8.69 -5.83
C LYS A 397 -12.88 -9.97 -4.98
N GLN A 398 -12.02 -10.97 -5.15
CA GLN A 398 -12.18 -12.22 -4.44
C GLN A 398 -12.02 -12.00 -2.96
N GLN A 399 -10.99 -11.25 -2.56
CA GLN A 399 -10.73 -11.05 -1.14
C GLN A 399 -11.57 -9.92 -0.55
N GLN A 400 -12.39 -9.27 -1.36
CA GLN A 400 -13.37 -8.24 -0.88
C GLN A 400 -12.71 -7.06 -0.21
N LEU A 401 -11.64 -6.61 -0.85
CA LEU A 401 -10.94 -5.40 -0.47
C LEU A 401 -11.70 -4.10 -0.87
N GLY A 402 -11.28 -3.01 -0.24
CA GLY A 402 -11.87 -1.72 -0.51
C GLY A 402 -11.50 -1.16 -1.86
N GLY A 403 -10.32 -1.47 -2.36
CA GLY A 403 -9.95 -0.97 -3.67
C GLY A 403 -8.48 -0.97 -3.95
N VAL A 404 -8.05 0.04 -4.72
CA VAL A 404 -6.69 0.13 -5.18
C VAL A 404 -6.14 1.55 -5.03
N MET A 405 -4.87 1.65 -4.67
CA MET A 405 -4.17 2.93 -4.55
C MET A 405 -2.90 2.82 -5.39
N PHE A 406 -2.44 3.94 -5.95
CA PHE A 406 -1.19 3.92 -6.68
C PHE A 406 -0.38 5.18 -6.49
N TRP A 407 0.92 4.98 -6.58
CA TRP A 407 1.88 6.04 -6.71
C TRP A 407 2.56 5.92 -8.06
N HIS A 408 2.45 6.96 -8.91
CA HIS A 408 1.50 8.06 -8.75
C HIS A 408 1.02 8.46 -10.17
N LEU A 409 0.09 9.42 -10.24
CA LEU A 409 -0.65 9.72 -11.49
C LEU A 409 0.25 10.18 -12.60
N GLY A 410 1.22 10.99 -12.21
CA GLY A 410 2.22 11.51 -13.12
C GLY A 410 2.97 10.45 -13.86
N GLN A 411 2.84 9.20 -13.48
CA GLN A 411 3.66 8.21 -14.09
C GLN A 411 2.90 7.29 -15.04
N ASP A 412 1.56 7.40 -15.06
CA ASP A 412 0.77 6.75 -16.08
C ASP A 412 1.21 7.30 -17.44
N ASN A 413 0.98 6.53 -18.47
CA ASN A 413 1.19 7.01 -19.80
C ASN A 413 0.20 8.09 -20.22
N ARG A 414 0.50 8.75 -21.31
CA ARG A 414 -0.26 9.93 -21.70
C ARG A 414 -1.76 9.67 -21.81
N ASN A 415 -2.15 8.52 -22.33
CA ASN A 415 -3.55 8.17 -22.40
C ASN A 415 -4.14 7.66 -21.12
N GLY A 416 -3.31 7.47 -20.10
CA GLY A 416 -3.80 6.99 -18.83
C GLY A 416 -4.23 5.54 -18.89
N ASP A 417 -3.51 4.73 -19.63
CA ASP A 417 -3.96 3.38 -19.83
C ASP A 417 -3.98 2.58 -18.53
N LEU A 418 -3.08 2.87 -17.59
CA LEU A 418 -3.11 2.06 -16.35
C LEU A 418 -4.38 2.34 -15.52
N LEU A 419 -4.72 3.61 -15.38
CA LEU A 419 -5.91 4.00 -14.65
C LEU A 419 -7.13 3.44 -15.34
N ALA A 420 -7.17 3.55 -16.66
CA ALA A 420 -8.30 3.02 -17.45
C ALA A 420 -8.43 1.53 -17.22
N ALA A 421 -7.32 0.83 -17.13
CA ALA A 421 -7.39 -0.62 -16.96
C ALA A 421 -7.99 -0.96 -15.60
N LEU A 422 -7.59 -0.22 -14.57
CA LEU A 422 -8.11 -0.48 -13.26
C LEU A 422 -9.64 -0.23 -13.19
N ASP A 423 -10.06 0.91 -13.75
CA ASP A 423 -11.47 1.27 -13.80
C ASP A 423 -12.29 0.21 -14.54
N ARG A 424 -11.73 -0.26 -15.64
CA ARG A 424 -12.38 -1.28 -16.45
C ARG A 424 -12.53 -2.59 -15.69
N TYR A 425 -11.46 -3.04 -15.04
CA TYR A 425 -11.56 -4.34 -14.33
C TYR A 425 -12.57 -4.31 -13.16
N PHE A 426 -12.81 -3.14 -12.59
CA PHE A 426 -13.79 -3.04 -11.54
C PHE A 426 -15.21 -2.75 -12.05
N ASN A 427 -15.35 -1.98 -13.11
CA ASN A 427 -16.63 -1.33 -13.41
C ASN A 427 -17.23 -1.60 -14.77
N ALA A 428 -16.47 -2.10 -15.74
CA ALA A 428 -16.98 -2.31 -17.09
C ALA A 428 -17.87 -3.56 -17.15
N ALA A 429 -19.12 -3.35 -17.56
CA ALA A 429 -20.11 -4.44 -17.73
C ALA A 429 -19.56 -5.60 -18.56
N ASP A 430 -18.81 -5.30 -19.62
CA ASP A 430 -18.35 -6.34 -20.59
C ASP A 430 -16.98 -6.94 -20.28
N TYR A 431 -16.41 -6.68 -19.09
CA TYR A 431 -15.12 -7.26 -18.75
C TYR A 431 -15.37 -8.46 -17.88
N ASP A 432 -14.81 -9.59 -18.26
CA ASP A 432 -15.07 -10.83 -17.54
C ASP A 432 -13.74 -11.45 -17.14
N ASP A 433 -13.50 -11.60 -15.83
CA ASP A 433 -12.28 -12.28 -15.37
C ASP A 433 -12.56 -13.63 -14.69
N SER A 434 -13.72 -14.19 -14.92
CA SER A 434 -14.11 -15.39 -14.21
C SER A 434 -13.27 -16.54 -14.68
N GLN A 435 -12.80 -16.52 -15.91
CA GLN A 435 -11.85 -17.58 -16.39
C GLN A 435 -10.37 -17.26 -16.18
N LEU A 436 -10.02 -16.09 -15.64
CA LEU A 436 -8.62 -15.70 -15.54
C LEU A 436 -7.91 -16.55 -14.48
N ASP A 437 -6.86 -17.27 -14.91
CA ASP A 437 -6.17 -18.19 -14.04
C ASP A 437 -5.23 -17.45 -13.10
N MET A 438 -5.46 -17.59 -11.81
CA MET A 438 -4.61 -16.92 -10.84
C MET A 438 -3.30 -17.66 -10.62
N GLY A 439 -3.11 -18.80 -11.27
CA GLY A 439 -1.79 -19.47 -11.31
C GLY A 439 -1.51 -20.31 -10.09
N THR A 440 -0.33 -20.93 -10.06
CA THR A 440 0.06 -21.77 -8.92
C THR A 440 1.18 -21.17 -8.05
N GLY A 441 1.39 -19.86 -8.12
CA GLY A 441 2.35 -19.19 -7.27
C GLY A 441 1.96 -19.31 -5.80
N LEU A 442 2.95 -19.22 -4.94
CA LEU A 442 2.76 -19.48 -3.53
C LEU A 442 1.81 -18.50 -2.85
N ARG A 443 0.75 -19.02 -2.24
CA ARG A 443 -0.07 -18.20 -1.33
C ARG A 443 0.51 -18.15 0.08
N TYR A 444 0.19 -17.07 0.77
CA TYR A 444 0.46 -16.92 2.18
C TYR A 444 -0.62 -17.66 2.95
N THR A 445 -0.21 -18.65 3.74
CA THR A 445 -1.14 -19.59 4.39
C THR A 445 -1.64 -19.13 5.77
N GLY A 446 -0.98 -18.15 6.36
CA GLY A 446 -1.18 -17.79 7.75
C GLY A 446 -2.64 -17.74 8.08
N VAL A 447 -2.97 -18.25 9.27
CA VAL A 447 -4.29 -18.11 9.81
C VAL A 447 -4.20 -17.51 11.19
N GLY A 448 -5.09 -16.56 11.42
CA GLY A 448 -5.17 -15.85 12.69
C GLY A 448 -6.62 -15.64 13.02
N PRO A 449 -6.89 -15.02 14.15
CA PRO A 449 -8.24 -14.87 14.68
C PRO A 449 -9.22 -14.15 13.74
N GLY A 450 -8.72 -13.28 12.86
CA GLY A 450 -9.58 -12.47 12.01
C GLY A 450 -9.99 -13.13 10.70
N ASN A 451 -9.41 -14.27 10.37
CA ASN A 451 -9.66 -14.88 9.04
C ASN A 451 -9.75 -16.40 9.20
N LEU A 452 -10.39 -16.85 10.27
CA LEU A 452 -10.64 -18.30 10.43
C LEU A 452 -11.45 -18.81 9.26
N PRO A 453 -11.05 -19.96 8.69
CA PRO A 453 -11.89 -20.52 7.60
C PRO A 453 -13.19 -21.13 8.13
N ILE A 454 -14.14 -21.38 7.23
CA ILE A 454 -15.34 -22.10 7.63
C ILE A 454 -15.06 -23.61 7.55
N MET A 455 -15.41 -24.31 8.63
CA MET A 455 -15.12 -25.72 8.80
C MET A 455 -16.28 -26.49 9.42
N THR A 456 -16.26 -27.81 9.23
CA THR A 456 -17.15 -28.71 10.01
C THR A 456 -16.35 -29.79 10.70
N ALA A 457 -16.93 -30.28 11.80
CA ALA A 457 -16.42 -31.44 12.49
C ALA A 457 -17.47 -31.93 13.50
N PRO A 458 -17.33 -33.18 13.97
CA PRO A 458 -18.29 -33.73 14.92
C PRO A 458 -18.35 -32.91 16.17
N ALA A 459 -19.50 -32.83 16.81
CA ALA A 459 -19.51 -32.21 18.12
C ALA A 459 -18.47 -32.82 19.11
N TYR A 460 -17.79 -31.95 19.84
CA TYR A 460 -17.13 -32.33 21.07
C TYR A 460 -18.09 -33.21 21.82
N VAL A 461 -17.53 -34.23 22.51
CA VAL A 461 -18.23 -35.10 23.44
C VAL A 461 -17.46 -35.24 24.76
N PRO A 462 -18.11 -34.97 25.90
CA PRO A 462 -17.42 -35.13 27.18
C PRO A 462 -17.08 -36.59 27.46
N GLY A 463 -15.95 -36.85 28.09
CA GLY A 463 -15.48 -38.21 28.34
C GLY A 463 -14.63 -38.87 27.24
N THR A 464 -14.76 -38.44 25.99
CA THR A 464 -13.94 -38.95 24.92
C THR A 464 -12.46 -38.51 25.02
N THR A 465 -11.56 -39.42 24.66
CA THR A 465 -10.15 -39.12 24.66
C THR A 465 -9.67 -38.81 23.25
N TYR A 466 -9.27 -37.58 23.02
CA TYR A 466 -8.93 -37.17 21.68
C TYR A 466 -7.41 -37.22 21.43
N ALA A 467 -7.03 -37.89 20.37
CA ALA A 467 -5.62 -37.94 19.97
C ALA A 467 -5.21 -36.60 19.34
N GLN A 468 -3.91 -36.31 19.37
CA GLN A 468 -3.34 -35.19 18.62
C GLN A 468 -3.85 -35.13 17.16
N GLY A 469 -4.35 -33.96 16.77
CA GLY A 469 -4.78 -33.70 15.42
C GLY A 469 -6.30 -33.75 15.30
N ALA A 470 -6.96 -34.25 16.35
CA ALA A 470 -8.41 -34.46 16.33
C ALA A 470 -9.13 -33.13 16.25
N LEU A 471 -10.18 -33.10 15.45
CA LEU A 471 -11.00 -31.91 15.21
C LEU A 471 -12.38 -32.15 15.75
N VAL A 472 -12.88 -31.27 16.61
CA VAL A 472 -14.29 -31.28 17.03
C VAL A 472 -14.92 -29.90 16.85
N SER A 473 -16.24 -29.83 17.04
CA SER A 473 -16.91 -28.54 17.08
C SER A 473 -17.49 -28.30 18.45
N TYR A 474 -17.55 -27.03 18.83
CA TYR A 474 -17.97 -26.67 20.17
C TYR A 474 -18.16 -25.17 20.23
N GLN A 475 -19.38 -24.78 20.58
CA GLN A 475 -19.71 -23.40 20.93
C GLN A 475 -19.30 -22.42 19.85
N GLY A 476 -19.64 -22.74 18.61
CA GLY A 476 -19.36 -21.83 17.53
C GLY A 476 -18.23 -22.25 16.61
N TYR A 477 -17.22 -22.91 17.19
CA TYR A 477 -15.94 -23.08 16.47
C TYR A 477 -15.55 -24.53 16.24
N VAL A 478 -14.67 -24.75 15.28
CA VAL A 478 -13.96 -26.00 15.16
C VAL A 478 -12.59 -25.87 15.81
N TRP A 479 -12.29 -26.76 16.75
CA TRP A 479 -11.06 -26.80 17.49
C TRP A 479 -10.22 -28.04 17.16
N GLN A 480 -8.93 -28.00 17.46
CA GLN A 480 -8.04 -29.09 17.13
C GLN A 480 -7.09 -29.36 18.30
N THR A 481 -6.99 -30.61 18.74
CA THR A 481 -6.05 -30.91 19.82
C THR A 481 -4.64 -30.66 19.37
N LYS A 482 -3.85 -30.10 20.28
CA LYS A 482 -2.48 -29.75 19.97
C LYS A 482 -1.56 -30.94 20.28
N TRP A 483 -1.95 -31.70 21.30
CA TRP A 483 -1.41 -33.02 21.59
C TRP A 483 -2.52 -33.97 22.03
N GLY A 484 -2.18 -35.23 22.28
CA GLY A 484 -3.06 -36.17 22.93
C GLY A 484 -2.54 -36.66 24.28
N TYR A 485 -3.43 -37.18 25.15
CA TYR A 485 -4.85 -37.41 24.83
C TYR A 485 -5.65 -36.43 25.61
N ILE A 486 -6.59 -35.76 24.94
CA ILE A 486 -7.29 -34.64 25.58
C ILE A 486 -8.74 -35.04 25.92
N THR A 487 -9.16 -34.73 27.16
CA THR A 487 -10.58 -34.84 27.55
C THR A 487 -11.27 -33.54 27.91
N SER A 488 -10.49 -32.45 28.06
CA SER A 488 -11.03 -31.12 28.46
C SER A 488 -11.92 -30.50 27.42
N ALA A 489 -12.79 -29.62 27.85
CA ALA A 489 -13.66 -28.96 26.87
C ALA A 489 -12.84 -27.92 26.05
N PRO A 490 -13.03 -27.90 24.75
CA PRO A 490 -12.35 -26.91 23.90
C PRO A 490 -12.48 -25.48 24.43
N GLY A 491 -11.37 -24.74 24.48
CA GLY A 491 -11.36 -23.38 24.97
C GLY A 491 -11.07 -23.19 26.45
N SER A 492 -10.99 -24.27 27.22
CA SER A 492 -10.95 -24.14 28.69
C SER A 492 -9.60 -24.33 29.25
N ASP A 493 -8.67 -24.80 28.44
CA ASP A 493 -7.27 -24.85 28.83
C ASP A 493 -6.43 -24.65 27.57
N SER A 494 -5.13 -24.91 27.65
CA SER A 494 -4.23 -24.62 26.56
C SER A 494 -4.11 -25.73 25.49
N ALA A 495 -4.90 -26.80 25.56
CA ALA A 495 -4.64 -27.99 24.74
C ALA A 495 -5.30 -27.86 23.37
N TRP A 496 -6.30 -27.01 23.28
CA TRP A 496 -7.07 -26.92 22.04
C TRP A 496 -6.77 -25.63 21.29
N LEU A 497 -6.70 -25.76 19.98
CA LEU A 497 -6.40 -24.64 19.09
C LEU A 497 -7.67 -24.31 18.31
N LYS A 498 -8.16 -23.09 18.46
CA LYS A 498 -9.23 -22.63 17.60
C LYS A 498 -8.75 -22.55 16.15
N VAL A 499 -9.21 -23.46 15.28
CA VAL A 499 -8.78 -23.50 13.88
C VAL A 499 -9.81 -23.10 12.82
N GLY A 500 -11.08 -23.01 13.19
CA GLY A 500 -12.11 -22.61 12.25
C GLY A 500 -13.42 -22.21 12.90
N ARG A 501 -14.33 -21.72 12.05
CA ARG A 501 -15.67 -21.34 12.56
C ARG A 501 -16.79 -22.11 11.84
N LEU A 502 -17.92 -22.26 12.55
CA LEU A 502 -19.10 -22.89 11.97
C LEU A 502 -19.91 -21.87 11.22
N ALA A 503 -20.53 -22.32 10.13
CA ALA A 503 -21.80 -21.74 9.62
C ALA A 503 -21.51 -20.66 8.58
#